data_8WRQ
#
_entry.id   8WRQ
#
_cell.length_a   1.00
_cell.length_b   1.00
_cell.length_c   1.00
_cell.angle_alpha   90.00
_cell.angle_beta   90.00
_cell.angle_gamma   90.00
#
_symmetry.space_group_name_H-M   'P 1'
#
loop_
_entity.id
_entity.type
_entity.pdbx_description
1 polymer Cas12-1
2 polymer CrRNA
3 polymer TS
4 polymer NTS
#
loop_
_entity_poly.entity_id
_entity_poly.type
_entity_poly.pdbx_seq_one_letter_code
_entity_poly.pdbx_strand_id
1 'polypeptide(L)'
;MTPKTETPVGALIKKFFPGKRFQKNYLKDAGKKLKREGEAAAVEYLSGKQEDHPANFCPPAKVNILAQSRPLSEWPINLV
SKGVQEYVYGLTAAEREANGDFGTSRKSLDRWFARTGVPTHGYTTVQGLNLILRHTFNRYDGVIKKVETRNEKRRSKATR
INVSREADGLPPIEAEPEETAFGPDGKLKERPGINPSIYCYQQVSPVPYNPAKHPALPFSGVDPGAPLPLGTPNRLSIPK
GQPGYVPEWQRPHLSTKNKRIRKWYARANWRRKPGRKSVLDEAKLKEAALKEAIPIIVTIGKDWIVMDARGLLRAVYWRG
IAKPGLSLKELLGFFSGDPVLDPKRGIATFTFKLGAVAVHSRKPTRGKKSKELLLSMTAEKPHVGLVAIDLGQTNPVAAE
FSRVKREGETLQAEPLGQIVLPDDLVKDLTRYRRAWDATEEQIKAEAIVQLPEECRAEVVKVNQMSAEETKHLILDRGVS
GDLPWEKMTSNTTFISDHLLAKGVTDQVFFEKKSKGKKKGTETVKRKDYGWVKLLRPRLSQETRKAVNDKTWELKRASTE
YVRLSRRKTELARRCVNYIVRETKRWTQCEDIAIVIEDLNVRFFHGSGERPDGWDNFFISKRENRWFIQVLHKAFSDLAL
HRGLPVIEANPARTSITCIRCGHCDRNNRHGEMFLCLSCNDLRHADREIATRNLTRVAVTGEMIPRRIEPGEQSGDTKKA
RSARKGKKAVISKREAA
;
A
2 'polyribonucleotide' CCGUCAACGUUCAACGCUUGCUCGGUUCGCCGAGACUCCCCUACGUGCUGCUGAAG B
3 'polydeoxyribonucleotide'
;(DC)(DT)(DG)(DC)(DC)(DC)(DT)(DT)(DG)(DC)(DA)(DA)(DG)(DA)(DA)(DG)(DT)(DC)(DC)(DA)
(DG)(DC)(DA)(DC)(DG)(DT)(DA)(DG)(DG)(DG)(DG)(DA)(DG)(DA)(DA)(DT)(DT)(DG)(DG)(DC)
(DC)(DA)
;
C
4 'polydeoxyribonucleotide'
;(DT)(DG)(DG)(DC)(DC)(DA)(DA)(DT)(DT)(DC)(DT)(DC)(DC)(DC)(DC)(DT)(DA)(DC)(DG)(DT)
(DG)(DC)(DT)(DG)(DG)(DA)(DC)(DT)(DT)(DC)(DT)(DT)(DG)(DC)(DA)(DA)(DG)(DG)(DG)(DC)
(DA)(DG)
;
D
#
# COMPACT_ATOMS: atom_id res chain seq x y z
N PRO A 54 20.23 -15.65 -3.26
CA PRO A 54 19.17 -16.25 -4.08
C PRO A 54 18.02 -15.28 -4.34
N ALA A 55 17.81 -14.91 -5.60
CA ALA A 55 16.75 -13.97 -5.94
C ALA A 55 15.39 -14.63 -5.71
N ASN A 56 14.58 -14.02 -4.85
CA ASN A 56 13.26 -14.57 -4.56
C ASN A 56 12.17 -13.49 -4.51
N PHE A 57 12.35 -12.38 -5.20
CA PHE A 57 11.34 -11.33 -5.27
C PHE A 57 10.93 -11.12 -6.72
N CYS A 58 9.64 -10.95 -6.94
CA CYS A 58 9.07 -10.84 -8.28
C CYS A 58 8.12 -9.65 -8.30
N PRO A 59 8.65 -8.44 -8.50
CA PRO A 59 7.80 -7.26 -8.47
C PRO A 59 6.86 -7.23 -9.67
N PRO A 60 5.72 -6.56 -9.56
CA PRO A 60 4.75 -6.55 -10.65
C PRO A 60 5.08 -5.53 -11.72
N ALA A 61 4.41 -5.68 -12.87
CA ALA A 61 4.47 -4.74 -13.97
C ALA A 61 3.11 -4.73 -14.65
N LYS A 62 2.47 -3.57 -14.71
CA LYS A 62 1.10 -3.46 -15.19
C LYS A 62 1.06 -2.95 -16.62
N VAL A 63 0.18 -3.53 -17.43
CA VAL A 63 -0.01 -3.14 -18.81
C VAL A 63 -1.49 -2.91 -19.07
N ASN A 64 -1.78 -2.12 -20.09
CA ASN A 64 -3.15 -1.77 -20.46
C ASN A 64 -3.69 -2.71 -21.52
N ILE A 65 -5.01 -2.74 -21.65
CA ILE A 65 -5.71 -3.58 -22.62
C ILE A 65 -6.23 -2.68 -23.73
N LEU A 66 -5.89 -3.03 -24.97
CA LEU A 66 -6.27 -2.22 -26.12
C LEU A 66 -7.53 -2.72 -26.81
N ALA A 67 -7.76 -4.03 -26.85
CA ALA A 67 -8.96 -4.57 -27.47
C ALA A 67 -9.28 -5.92 -26.85
N GLN A 68 -10.52 -6.36 -27.07
CA GLN A 68 -11.01 -7.61 -26.50
C GLN A 68 -12.25 -8.04 -27.27
N SER A 69 -12.41 -9.36 -27.40
CA SER A 69 -13.55 -9.89 -28.15
C SER A 69 -14.88 -9.52 -27.49
N ARG A 70 -15.00 -9.82 -26.20
CA ARG A 70 -16.17 -9.46 -25.42
C ARG A 70 -15.69 -9.19 -24.00
N PRO A 71 -16.49 -8.50 -23.19
CA PRO A 71 -16.07 -8.19 -21.83
C PRO A 71 -15.68 -9.43 -21.04
N LEU A 72 -14.66 -9.30 -20.20
CA LEU A 72 -14.10 -10.43 -19.48
C LEU A 72 -15.09 -11.07 -18.53
N SER A 73 -16.13 -10.34 -18.12
CA SER A 73 -17.14 -10.91 -17.23
C SER A 73 -17.98 -11.98 -17.92
N GLU A 74 -18.05 -11.96 -19.24
CA GLU A 74 -18.87 -12.91 -19.98
C GLU A 74 -18.09 -14.14 -20.43
N TRP A 75 -16.80 -14.23 -20.10
CA TRP A 75 -16.02 -15.38 -20.52
C TRP A 75 -16.39 -16.61 -19.69
N PRO A 76 -16.32 -17.79 -20.29
CA PRO A 76 -16.66 -19.01 -19.53
C PRO A 76 -15.79 -19.23 -18.30
N ILE A 77 -14.52 -18.85 -18.35
CA ILE A 77 -13.64 -19.04 -17.19
C ILE A 77 -14.13 -18.22 -16.01
N ASN A 78 -14.53 -16.96 -16.24
CA ASN A 78 -15.03 -16.12 -15.17
C ASN A 78 -16.32 -16.68 -14.57
N LEU A 79 -17.23 -17.15 -15.42
CA LEU A 79 -18.48 -17.71 -14.94
C LEU A 79 -18.23 -18.98 -14.12
N VAL A 80 -17.31 -19.84 -14.58
CA VAL A 80 -16.98 -21.04 -13.83
C VAL A 80 -16.39 -20.68 -12.48
N SER A 81 -15.51 -19.69 -12.44
CA SER A 81 -14.91 -19.26 -11.18
C SER A 81 -15.97 -18.77 -10.22
N LYS A 82 -16.89 -17.92 -10.71
CA LYS A 82 -17.97 -17.43 -9.88
C LYS A 82 -18.81 -18.58 -9.32
N GLY A 83 -19.22 -19.51 -10.19
CA GLY A 83 -20.04 -20.62 -9.74
C GLY A 83 -19.36 -21.46 -8.68
N VAL A 84 -18.09 -21.80 -8.92
CA VAL A 84 -17.34 -22.62 -7.97
C VAL A 84 -17.21 -21.91 -6.64
N GLN A 85 -16.93 -20.61 -6.67
CA GLN A 85 -16.76 -19.88 -5.42
C GLN A 85 -18.06 -19.76 -4.63
N GLU A 86 -19.16 -19.40 -5.30
CA GLU A 86 -20.44 -19.32 -4.59
C GLU A 86 -20.88 -20.69 -4.09
N TYR A 87 -20.50 -21.77 -4.77
CA TYR A 87 -20.82 -23.10 -4.25
C TYR A 87 -20.00 -23.41 -3.00
N VAL A 88 -18.69 -23.16 -3.05
CA VAL A 88 -17.81 -23.58 -1.96
C VAL A 88 -18.05 -22.73 -0.71
N TYR A 89 -18.26 -21.43 -0.88
CA TYR A 89 -18.32 -20.55 0.28
C TYR A 89 -19.55 -20.80 1.14
N GLY A 90 -20.58 -21.43 0.60
CA GLY A 90 -21.82 -21.61 1.33
C GLY A 90 -22.10 -23.03 1.76
N LEU A 91 -21.08 -23.74 2.23
CA LEU A 91 -21.24 -25.11 2.69
C LEU A 91 -20.51 -25.30 4.00
N THR A 92 -20.96 -26.31 4.76
CA THR A 92 -20.50 -26.54 6.12
C THR A 92 -19.17 -27.28 6.14
N ALA A 93 -18.74 -27.67 7.34
CA ALA A 93 -17.48 -28.38 7.49
C ALA A 93 -17.59 -29.82 6.99
N ALA A 94 -18.69 -30.50 7.31
CA ALA A 94 -18.89 -31.86 6.82
C ALA A 94 -18.99 -31.87 5.31
N GLU A 95 -19.69 -30.89 4.73
CA GLU A 95 -19.78 -30.80 3.28
C GLU A 95 -18.45 -30.43 2.65
N ARG A 96 -17.62 -29.66 3.37
CA ARG A 96 -16.28 -29.37 2.87
C ARG A 96 -15.41 -30.61 2.85
N GLU A 97 -15.47 -31.42 3.92
CA GLU A 97 -14.69 -32.65 3.95
C GLU A 97 -15.18 -33.63 2.88
N ALA A 98 -16.50 -33.73 2.69
CA ALA A 98 -17.04 -34.64 1.68
C ALA A 98 -16.72 -34.16 0.27
N ASN A 99 -16.94 -32.87 0.01
CA ASN A 99 -16.69 -32.30 -1.31
C ASN A 99 -15.29 -31.69 -1.41
N GLY A 100 -14.28 -32.48 -1.07
CA GLY A 100 -12.90 -32.04 -1.15
C GLY A 100 -12.02 -33.00 -1.91
N ASP A 101 -12.62 -33.71 -2.87
CA ASP A 101 -11.92 -34.71 -3.68
C ASP A 101 -11.91 -34.30 -5.15
N PHE A 102 -11.68 -33.02 -5.41
CA PHE A 102 -11.67 -32.55 -6.79
C PHE A 102 -10.40 -32.97 -7.52
N GLY A 103 -9.29 -33.09 -6.83
CA GLY A 103 -8.07 -33.60 -7.43
C GLY A 103 -7.46 -32.65 -8.46
N THR A 104 -6.51 -33.19 -9.21
CA THR A 104 -5.82 -32.46 -10.27
C THR A 104 -5.85 -33.24 -11.57
N SER A 105 -6.91 -34.01 -11.80
CA SER A 105 -7.03 -34.85 -12.99
C SER A 105 -8.35 -34.56 -13.69
N ARG A 106 -8.39 -34.85 -14.99
CA ARG A 106 -9.60 -34.65 -15.77
C ARG A 106 -10.73 -35.54 -15.26
N LYS A 107 -10.42 -36.82 -15.03
CA LYS A 107 -11.41 -37.77 -14.53
C LYS A 107 -11.90 -37.40 -13.13
N SER A 108 -11.13 -36.63 -12.37
CA SER A 108 -11.54 -36.16 -11.05
C SER A 108 -12.31 -34.86 -11.10
N LEU A 109 -11.87 -33.89 -11.92
CA LEU A 109 -12.61 -32.64 -12.06
C LEU A 109 -13.98 -32.89 -12.68
N ASP A 110 -14.06 -33.77 -13.68
CA ASP A 110 -15.36 -34.10 -14.27
C ASP A 110 -16.28 -34.74 -13.25
N ARG A 111 -15.76 -35.67 -12.44
CA ARG A 111 -16.58 -36.29 -11.41
C ARG A 111 -17.04 -35.28 -10.37
N TRP A 112 -16.16 -34.35 -9.99
CA TRP A 112 -16.53 -33.31 -9.04
C TRP A 112 -17.65 -32.45 -9.59
N PHE A 113 -17.52 -31.99 -10.84
CA PHE A 113 -18.59 -31.19 -11.43
C PHE A 113 -19.83 -32.03 -11.71
N ALA A 114 -19.71 -33.36 -11.70
CA ALA A 114 -20.88 -34.21 -11.87
C ALA A 114 -21.69 -34.32 -10.59
N ARG A 115 -21.05 -34.68 -9.48
CA ARG A 115 -21.81 -34.87 -8.25
C ARG A 115 -22.25 -33.55 -7.64
N THR A 116 -21.39 -32.53 -7.69
CA THR A 116 -21.74 -31.24 -7.11
C THR A 116 -22.81 -30.53 -7.93
N GLY A 117 -22.75 -30.68 -9.25
CA GLY A 117 -23.72 -30.04 -10.11
C GLY A 117 -23.46 -28.59 -10.44
N VAL A 118 -22.28 -28.08 -10.13
CA VAL A 118 -21.95 -26.68 -10.45
C VAL A 118 -21.82 -26.53 -11.96
N PRO A 119 -22.45 -25.54 -12.58
CA PRO A 119 -22.31 -25.33 -14.02
C PRO A 119 -20.85 -25.29 -14.45
N THR A 120 -20.55 -25.95 -15.56
CA THR A 120 -19.21 -25.95 -16.13
C THR A 120 -19.05 -24.95 -17.27
N HIS A 121 -20.15 -24.41 -17.80
CA HIS A 121 -20.14 -23.31 -18.75
C HIS A 121 -19.25 -23.60 -19.97
N GLY A 122 -19.02 -24.87 -20.28
CA GLY A 122 -18.21 -25.24 -21.41
C GLY A 122 -16.71 -25.20 -21.17
N TYR A 123 -16.26 -24.79 -19.98
CA TYR A 123 -14.84 -24.69 -19.67
C TYR A 123 -14.38 -26.00 -19.06
N THR A 124 -13.49 -26.71 -19.76
CA THR A 124 -13.00 -28.01 -19.33
C THR A 124 -11.50 -28.10 -19.50
N THR A 125 -10.78 -27.06 -19.11
CA THR A 125 -9.33 -27.04 -19.18
C THR A 125 -8.76 -27.38 -17.81
N VAL A 126 -7.96 -28.44 -17.74
CA VAL A 126 -7.45 -28.92 -16.47
C VAL A 126 -6.49 -27.91 -15.87
N GLN A 127 -5.63 -27.30 -16.70
CA GLN A 127 -4.63 -26.38 -16.18
C GLN A 127 -5.28 -25.14 -15.57
N GLY A 128 -6.31 -24.60 -16.22
CA GLY A 128 -6.98 -23.42 -15.73
C GLY A 128 -8.03 -23.65 -14.68
N LEU A 129 -8.45 -24.90 -14.48
CA LEU A 129 -9.43 -25.22 -13.45
C LEU A 129 -8.77 -25.53 -12.11
N ASN A 130 -7.56 -26.11 -12.12
CA ASN A 130 -6.86 -26.38 -10.88
C ASN A 130 -6.60 -25.09 -10.11
N LEU A 131 -6.26 -24.01 -10.84
CA LEU A 131 -6.04 -22.72 -10.19
C LEU A 131 -7.31 -22.22 -9.53
N ILE A 132 -8.45 -22.38 -10.19
CA ILE A 132 -9.71 -21.89 -9.64
C ILE A 132 -10.07 -22.67 -8.38
N LEU A 133 -9.92 -23.99 -8.40
CA LEU A 133 -10.40 -24.80 -7.29
C LEU A 133 -9.46 -24.81 -6.10
N ARG A 134 -8.14 -24.72 -6.32
CA ARG A 134 -7.26 -24.71 -5.15
C ARG A 134 -7.27 -23.37 -4.44
N HIS A 135 -7.46 -22.28 -5.19
CA HIS A 135 -7.62 -20.98 -4.54
C HIS A 135 -8.92 -20.90 -3.77
N THR A 136 -10.01 -21.38 -4.35
CA THR A 136 -11.32 -21.23 -3.73
C THR A 136 -11.40 -21.98 -2.41
N PHE A 137 -10.88 -23.20 -2.36
CA PHE A 137 -10.91 -23.96 -1.11
C PHE A 137 -9.94 -23.41 -0.09
N ASN A 138 -8.83 -22.81 -0.54
CA ASN A 138 -7.91 -22.16 0.39
C ASN A 138 -8.53 -20.90 0.99
N ARG A 139 -9.31 -20.17 0.20
CA ARG A 139 -10.02 -19.01 0.73
C ARG A 139 -11.05 -19.43 1.77
N TYR A 140 -11.74 -20.54 1.53
CA TYR A 140 -12.65 -21.08 2.54
C TYR A 140 -11.89 -21.46 3.81
N ASP A 141 -10.79 -22.20 3.65
CA ASP A 141 -9.96 -22.57 4.79
C ASP A 141 -9.00 -21.45 5.12
N GLY A 142 -9.51 -20.23 5.24
CA GLY A 142 -8.75 -19.09 5.71
C GLY A 142 -9.51 -18.43 6.84
N VAL A 143 -10.82 -18.69 6.88
CA VAL A 143 -11.63 -18.31 8.02
C VAL A 143 -11.29 -19.17 9.23
N ILE A 144 -11.04 -20.46 9.00
CA ILE A 144 -10.74 -21.37 10.11
C ILE A 144 -9.42 -20.98 10.77
N LYS A 145 -8.36 -20.78 9.97
CA LYS A 145 -7.06 -20.53 10.56
C LYS A 145 -6.95 -19.13 11.15
N LYS A 146 -7.71 -18.17 10.63
CA LYS A 146 -7.73 -16.84 11.23
C LYS A 146 -8.31 -16.90 12.64
N VAL A 147 -9.41 -17.62 12.82
CA VAL A 147 -9.98 -17.83 14.15
C VAL A 147 -9.08 -18.75 14.96
N GLU A 148 -8.56 -19.82 14.35
CA GLU A 148 -7.77 -20.80 15.09
C GLU A 148 -6.47 -20.20 15.59
N THR A 149 -5.94 -19.19 14.90
CA THR A 149 -4.77 -18.49 15.41
C THR A 149 -5.07 -17.84 16.76
N ARG A 150 -6.25 -17.25 16.90
CA ARG A 150 -6.68 -16.73 18.19
C ARG A 150 -6.98 -17.83 19.18
N ASN A 151 -7.41 -19.00 18.70
CA ASN A 151 -7.71 -20.10 19.60
C ASN A 151 -6.46 -20.55 20.36
N GLU A 152 -5.32 -20.63 19.69
CA GLU A 152 -4.09 -20.98 20.37
C GLU A 152 -3.52 -19.81 21.17
N LYS A 153 -3.86 -18.57 20.81
CA LYS A 153 -3.53 -17.44 21.67
C LYS A 153 -4.27 -17.53 23.00
N ARG A 154 -5.55 -17.94 22.97
CA ARG A 154 -6.29 -18.13 24.20
C ARG A 154 -5.65 -19.22 25.06
N ARG A 155 -5.23 -20.31 24.44
CA ARG A 155 -4.54 -21.37 25.17
C ARG A 155 -3.15 -20.95 25.63
N SER A 156 -2.61 -19.87 25.08
CA SER A 156 -1.30 -19.38 25.48
C SER A 156 -1.40 -17.99 26.09
N PRO A 177 -15.18 -20.18 26.58
CA PRO A 177 -15.72 -20.66 25.29
C PRO A 177 -14.80 -20.33 24.12
N GLU A 178 -14.18 -21.37 23.54
CA GLU A 178 -13.29 -21.18 22.41
C GLU A 178 -14.08 -20.71 21.19
N GLU A 179 -13.49 -19.78 20.45
CA GLU A 179 -14.15 -19.25 19.26
C GLU A 179 -14.21 -20.31 18.17
N THR A 180 -15.34 -20.33 17.47
CA THR A 180 -15.55 -21.23 16.34
C THR A 180 -16.04 -20.41 15.16
N ALA A 181 -15.52 -20.72 13.97
CA ALA A 181 -15.89 -19.99 12.75
C ALA A 181 -17.22 -20.44 12.17
N PHE A 182 -17.86 -21.47 12.74
CA PHE A 182 -19.11 -22.01 12.23
C PHE A 182 -20.25 -21.57 13.14
N GLY A 183 -21.30 -21.01 12.53
CA GLY A 183 -22.42 -20.50 13.27
C GLY A 183 -23.47 -21.55 13.55
N PRO A 184 -24.61 -21.13 14.12
CA PRO A 184 -25.68 -22.10 14.42
C PRO A 184 -26.22 -22.79 13.18
N ASP A 185 -26.28 -22.12 12.04
CA ASP A 185 -26.80 -22.72 10.82
C ASP A 185 -25.85 -23.76 10.23
N GLY A 186 -24.62 -23.85 10.73
CA GLY A 186 -23.64 -24.78 10.24
C GLY A 186 -22.70 -24.22 9.19
N LYS A 187 -23.08 -23.12 8.55
CA LYS A 187 -22.25 -22.48 7.55
C LYS A 187 -21.44 -21.35 8.18
N LEU A 188 -20.43 -20.89 7.43
CA LEU A 188 -19.54 -19.85 7.93
C LEU A 188 -20.30 -18.56 8.19
N LYS A 189 -20.02 -17.94 9.34
CA LYS A 189 -20.61 -16.64 9.65
C LYS A 189 -19.96 -15.54 8.82
N GLU A 190 -18.64 -15.59 8.68
CA GLU A 190 -17.87 -14.60 7.92
C GLU A 190 -17.42 -15.29 6.64
N ARG A 191 -18.27 -15.21 5.58
CA ARG A 191 -17.81 -15.99 4.43
C ARG A 191 -17.21 -15.08 3.37
N PRO A 192 -16.20 -15.58 2.66
CA PRO A 192 -15.46 -14.73 1.71
C PRO A 192 -16.31 -14.31 0.51
N GLY A 193 -15.94 -13.17 -0.06
CA GLY A 193 -16.57 -12.69 -1.27
C GLY A 193 -15.97 -13.30 -2.51
N ILE A 194 -16.48 -12.87 -3.66
CA ILE A 194 -16.06 -13.39 -4.95
C ILE A 194 -14.83 -12.62 -5.43
N ASN A 195 -13.81 -13.36 -5.84
CA ASN A 195 -12.61 -12.76 -6.41
C ASN A 195 -12.81 -12.53 -7.90
N PRO A 196 -12.82 -11.30 -8.38
CA PRO A 196 -12.99 -11.04 -9.82
C PRO A 196 -11.65 -11.00 -10.57
N SER A 197 -11.05 -12.16 -10.74
CA SER A 197 -9.78 -12.26 -11.44
C SER A 197 -9.78 -13.48 -12.35
N ILE A 198 -8.98 -13.40 -13.42
CA ILE A 198 -8.78 -14.50 -14.35
C ILE A 198 -7.29 -14.81 -14.34
N TYR A 199 -6.92 -15.88 -13.64
CA TYR A 199 -5.51 -16.26 -13.52
C TYR A 199 -5.11 -17.07 -14.76
N CYS A 200 -4.24 -16.50 -15.58
CA CYS A 200 -3.82 -17.16 -16.80
C CYS A 200 -2.86 -18.30 -16.50
N TYR A 201 -2.70 -19.19 -17.49
CA TYR A 201 -1.87 -20.37 -17.34
C TYR A 201 -1.02 -20.52 -18.60
N GLN A 202 -0.22 -21.58 -18.62
CA GLN A 202 0.75 -21.77 -19.70
C GLN A 202 0.06 -21.84 -21.07
N GLN A 203 -1.13 -22.41 -21.12
CA GLN A 203 -1.80 -22.65 -22.39
C GLN A 203 -2.42 -21.41 -22.98
N VAL A 204 -2.46 -20.30 -22.21
CA VAL A 204 -3.02 -19.04 -22.68
C VAL A 204 -1.99 -17.94 -22.47
N SER A 205 -0.71 -18.30 -22.48
CA SER A 205 0.35 -17.35 -22.20
C SER A 205 0.42 -16.30 -23.31
N PRO A 206 0.79 -15.06 -22.95
CA PRO A 206 0.86 -14.00 -23.95
C PRO A 206 1.88 -14.30 -25.04
N VAL A 207 1.53 -13.96 -26.28
CA VAL A 207 2.42 -14.11 -27.43
C VAL A 207 2.35 -12.85 -28.27
N PRO A 208 3.40 -12.58 -29.04
CA PRO A 208 3.37 -11.41 -29.92
C PRO A 208 2.21 -11.48 -30.89
N TYR A 209 1.57 -10.33 -31.12
CA TYR A 209 0.48 -10.25 -32.06
C TYR A 209 0.97 -10.56 -33.47
N ASN A 210 0.23 -11.41 -34.17
CA ASN A 210 0.56 -11.81 -35.55
C ASN A 210 -0.70 -11.68 -36.38
N PRO A 211 -0.75 -10.77 -37.35
CA PRO A 211 -2.00 -10.56 -38.10
C PRO A 211 -2.48 -11.78 -38.85
N ALA A 212 -1.57 -12.64 -39.33
CA ALA A 212 -2.00 -13.82 -40.07
C ALA A 212 -2.57 -14.89 -39.15
N LYS A 213 -1.94 -15.12 -38.00
CA LYS A 213 -2.32 -16.20 -37.10
C LYS A 213 -3.32 -15.78 -36.03
N HIS A 214 -3.60 -14.49 -35.92
CA HIS A 214 -4.47 -13.95 -34.89
C HIS A 214 -5.53 -13.07 -35.54
N PRO A 215 -6.63 -12.78 -34.83
CA PRO A 215 -7.70 -11.97 -35.42
C PRO A 215 -7.21 -10.62 -35.88
N ALA A 216 -7.82 -10.12 -36.96
CA ALA A 216 -7.40 -8.84 -37.53
C ALA A 216 -7.83 -7.70 -36.63
N LEU A 217 -6.89 -6.79 -36.36
CA LEU A 217 -7.12 -5.60 -35.56
C LEU A 217 -6.48 -4.42 -36.27
N PRO A 218 -6.95 -3.19 -35.99
CA PRO A 218 -6.31 -1.99 -36.53
C PRO A 218 -5.01 -1.62 -35.81
N PHE A 219 -4.13 -2.60 -35.68
CA PHE A 219 -2.83 -2.43 -35.03
C PHE A 219 -1.76 -3.10 -35.88
N SER A 220 -0.53 -2.60 -35.75
CA SER A 220 0.60 -3.17 -36.47
C SER A 220 1.42 -4.05 -35.54
N GLY A 221 1.63 -5.30 -35.96
CA GLY A 221 2.40 -6.25 -35.20
C GLY A 221 3.85 -6.24 -35.61
N VAL A 222 4.72 -5.90 -34.65
CA VAL A 222 6.14 -5.83 -34.96
C VAL A 222 6.70 -7.23 -35.17
N ASP A 223 7.84 -7.28 -35.84
CA ASP A 223 8.53 -8.54 -36.06
C ASP A 223 9.06 -9.04 -34.73
N PRO A 224 8.71 -10.26 -34.29
CA PRO A 224 9.13 -10.71 -32.95
C PRO A 224 10.63 -10.69 -32.74
N GLY A 225 11.43 -11.01 -33.76
CA GLY A 225 12.87 -11.03 -33.59
C GLY A 225 13.58 -9.73 -33.89
N ALA A 226 12.90 -8.82 -34.59
CA ALA A 226 13.53 -7.57 -34.97
C ALA A 226 13.67 -6.65 -33.76
N PRO A 227 14.67 -5.76 -33.76
CA PRO A 227 14.86 -4.87 -32.62
C PRO A 227 13.72 -3.87 -32.49
N LEU A 228 13.25 -3.70 -31.26
CA LEU A 228 12.20 -2.73 -31.00
C LEU A 228 12.76 -1.32 -31.15
N PRO A 229 11.96 -0.39 -31.68
CA PRO A 229 12.46 0.97 -31.87
C PRO A 229 12.50 1.76 -30.58
N LEU A 230 13.32 2.80 -30.57
CA LEU A 230 13.34 3.75 -29.47
C LEU A 230 12.29 4.83 -29.72
N GLY A 231 12.34 5.91 -28.95
CA GLY A 231 11.40 7.00 -29.15
C GLY A 231 11.88 7.93 -30.24
N THR A 232 11.97 9.23 -29.94
CA THR A 232 12.49 10.17 -30.93
C THR A 232 13.99 10.31 -30.75
N PRO A 233 14.79 9.83 -31.69
CA PRO A 233 16.26 9.93 -31.54
C PRO A 233 16.77 11.36 -31.71
N ASN A 234 16.27 12.04 -32.74
CA ASN A 234 16.70 13.40 -33.06
C ASN A 234 15.69 14.39 -32.51
N ARG A 235 15.67 14.48 -31.17
CA ARG A 235 14.68 15.31 -30.49
C ARG A 235 14.84 16.78 -30.84
N LEU A 236 16.07 17.26 -30.94
CA LEU A 236 16.31 18.67 -31.21
C LEU A 236 16.16 19.04 -32.67
N SER A 237 16.16 18.08 -33.59
CA SER A 237 16.11 18.38 -35.01
C SER A 237 14.70 18.39 -35.57
N ILE A 238 13.68 18.12 -34.76
CA ILE A 238 12.31 18.16 -35.26
C ILE A 238 11.98 19.59 -35.66
N PRO A 239 11.47 19.83 -36.87
CA PRO A 239 11.21 21.21 -37.31
C PRO A 239 10.06 21.84 -36.53
N LYS A 240 9.88 23.14 -36.77
CA LYS A 240 8.78 23.87 -36.16
C LYS A 240 7.46 23.46 -36.79
N GLY A 241 6.39 23.63 -36.03
CA GLY A 241 5.06 23.28 -36.52
C GLY A 241 4.79 21.80 -36.56
N GLN A 242 5.60 20.99 -35.89
CA GLN A 242 5.48 19.54 -35.88
C GLN A 242 5.46 19.05 -34.45
N PRO A 243 4.86 17.88 -34.20
CA PRO A 243 4.82 17.35 -32.83
C PRO A 243 6.22 17.11 -32.26
N GLY A 244 6.37 17.39 -30.97
CA GLY A 244 7.60 17.13 -30.27
C GLY A 244 8.66 18.20 -30.38
N TYR A 245 8.34 19.36 -30.96
CA TYR A 245 9.33 20.40 -31.19
C TYR A 245 9.61 21.14 -29.88
N VAL A 246 10.82 20.98 -29.36
CA VAL A 246 11.28 21.74 -28.20
C VAL A 246 11.58 23.16 -28.67
N PRO A 247 10.98 24.18 -28.06
CA PRO A 247 11.25 25.55 -28.51
C PRO A 247 12.67 25.98 -28.18
N GLU A 248 13.12 27.02 -28.87
CA GLU A 248 14.50 27.47 -28.74
C GLU A 248 14.81 27.96 -27.34
N TRP A 249 13.88 28.68 -26.72
CA TRP A 249 14.17 29.29 -25.42
C TRP A 249 14.31 28.25 -24.32
N GLN A 250 13.74 27.06 -24.51
CA GLN A 250 13.91 25.96 -23.56
C GLN A 250 15.22 25.22 -23.76
N ARG A 251 15.88 25.41 -24.90
CA ARG A 251 17.11 24.67 -25.18
C ARG A 251 18.23 24.94 -24.17
N PRO A 252 18.52 26.18 -23.75
CA PRO A 252 19.68 26.39 -22.86
C PRO A 252 19.64 25.54 -21.59
N HIS A 253 18.49 25.36 -20.97
CA HIS A 253 18.39 24.61 -19.72
C HIS A 253 17.46 23.41 -19.92
N LEU A 254 18.06 22.29 -20.34
CA LEU A 254 17.38 21.01 -20.43
C LEU A 254 18.02 20.04 -19.44
N SER A 255 17.52 18.80 -19.43
CA SER A 255 18.03 17.79 -18.53
C SER A 255 19.16 17.01 -19.18
N THR A 256 20.13 16.60 -18.36
CA THR A 256 21.28 15.86 -18.84
C THR A 256 21.35 14.42 -18.33
N LYS A 257 20.62 14.09 -17.27
CA LYS A 257 20.60 12.73 -16.77
C LYS A 257 19.83 11.82 -17.74
N ASN A 258 19.96 10.51 -17.51
CA ASN A 258 19.21 9.52 -18.29
C ASN A 258 17.76 9.55 -17.82
N LYS A 259 17.03 10.54 -18.30
CA LYS A 259 15.64 10.74 -17.92
C LYS A 259 14.72 9.93 -18.82
N ARG A 260 13.62 9.46 -18.23
CA ARG A 260 12.60 8.77 -19.01
C ARG A 260 12.03 9.70 -20.06
N ILE A 261 11.96 9.23 -21.29
CA ILE A 261 11.53 10.06 -22.42
C ILE A 261 10.02 9.93 -22.58
N ARG A 262 9.32 11.06 -22.49
CA ARG A 262 7.88 11.12 -22.64
C ARG A 262 7.54 11.54 -24.07
N LYS A 263 6.68 10.77 -24.72
CA LYS A 263 6.22 11.16 -26.04
C LYS A 263 5.24 12.33 -25.93
N TRP A 264 5.08 13.05 -27.04
CA TRP A 264 4.26 14.26 -27.03
C TRP A 264 2.80 13.98 -26.75
N TYR A 265 2.32 12.76 -26.97
CA TYR A 265 0.92 12.42 -26.73
C TYR A 265 0.68 11.89 -25.33
N ALA A 266 1.69 11.90 -24.47
CA ALA A 266 1.51 11.46 -23.09
C ALA A 266 0.48 12.34 -22.39
N ARG A 267 -0.46 11.69 -21.70
CA ARG A 267 -1.53 12.43 -21.04
C ARG A 267 -0.99 13.30 -19.91
N ALA A 268 0.17 12.95 -19.36
CA ALA A 268 0.77 13.77 -18.32
C ALA A 268 1.16 15.15 -18.83
N ASN A 269 1.41 15.29 -20.13
CA ASN A 269 1.74 16.58 -20.72
C ASN A 269 0.52 17.38 -21.13
N TRP A 270 -0.67 16.79 -21.09
CA TRP A 270 -1.90 17.49 -21.45
C TRP A 270 -2.95 17.46 -20.36
N ARG A 271 -2.65 16.89 -19.19
CA ARG A 271 -3.64 16.76 -18.13
C ARG A 271 -4.10 18.12 -17.65
N ARG A 272 -5.37 18.20 -17.23
CA ARG A 272 -5.91 19.44 -16.69
C ARG A 272 -5.13 19.85 -15.46
N LYS A 273 -4.79 21.13 -15.39
CA LYS A 273 -3.91 21.66 -14.36
C LYS A 273 -4.41 23.04 -13.98
N PRO A 274 -3.97 23.57 -12.83
CA PRO A 274 -4.39 24.94 -12.46
C PRO A 274 -4.10 26.00 -13.51
N GLY A 275 -2.94 25.94 -14.17
CA GLY A 275 -2.58 26.97 -15.11
C GLY A 275 -1.95 26.49 -16.41
N ARG A 276 -2.36 25.32 -16.89
CA ARG A 276 -1.69 24.75 -18.07
C ARG A 276 -2.10 25.45 -19.36
N LYS A 277 -3.34 25.94 -19.45
CA LYS A 277 -3.80 26.78 -20.56
C LYS A 277 -3.74 26.03 -21.90
N SER A 278 -3.85 24.72 -21.87
CA SER A 278 -3.82 23.90 -23.07
C SER A 278 -5.17 23.23 -23.29
N VAL A 279 -5.33 22.62 -24.45
CA VAL A 279 -6.56 21.93 -24.84
C VAL A 279 -6.26 20.45 -24.99
N LEU A 280 -6.98 19.62 -24.25
CA LEU A 280 -6.80 18.17 -24.31
C LEU A 280 -7.85 17.60 -25.27
N ASP A 281 -7.40 17.13 -26.42
CA ASP A 281 -8.23 16.38 -27.37
C ASP A 281 -7.82 14.91 -27.22
N GLU A 282 -8.58 14.18 -26.40
CA GLU A 282 -8.20 12.80 -26.09
C GLU A 282 -8.23 11.91 -27.31
N ALA A 283 -9.02 12.28 -28.33
CA ALA A 283 -9.12 11.44 -29.53
C ALA A 283 -7.79 11.40 -30.28
N LYS A 284 -7.18 12.57 -30.51
CA LYS A 284 -5.92 12.61 -31.25
C LYS A 284 -4.80 11.96 -30.46
N LEU A 285 -4.77 12.16 -29.13
CA LEU A 285 -3.75 11.52 -28.32
C LEU A 285 -3.91 10.00 -28.33
N LYS A 286 -5.16 9.52 -28.25
CA LYS A 286 -5.40 8.08 -28.29
C LYS A 286 -4.98 7.49 -29.62
N GLU A 287 -5.32 8.17 -30.73
CA GLU A 287 -4.93 7.67 -32.04
C GLU A 287 -3.41 7.64 -32.20
N ALA A 288 -2.73 8.70 -31.76
CA ALA A 288 -1.28 8.76 -31.88
C ALA A 288 -0.62 7.68 -31.03
N ALA A 289 -1.15 7.43 -29.82
CA ALA A 289 -0.61 6.37 -29.00
C ALA A 289 -0.84 5.00 -29.61
N LEU A 290 -2.01 4.80 -30.24
CA LEU A 290 -2.31 3.50 -30.83
C LEU A 290 -1.50 3.23 -32.09
N LYS A 291 -1.07 4.28 -32.81
CA LYS A 291 -0.31 4.04 -34.02
C LYS A 291 1.09 3.49 -33.76
N GLU A 292 1.58 3.54 -32.52
CA GLU A 292 2.95 3.13 -32.22
C GLU A 292 2.97 2.27 -30.95
N ALA A 293 2.08 1.28 -30.90
CA ALA A 293 1.99 0.39 -29.75
C ALA A 293 2.84 -0.85 -29.97
N ILE A 294 2.88 -1.71 -28.95
CA ILE A 294 3.58 -2.99 -29.03
C ILE A 294 2.57 -4.07 -28.66
N PRO A 295 1.74 -4.52 -29.60
CA PRO A 295 0.63 -5.39 -29.24
C PRO A 295 1.08 -6.80 -28.88
N ILE A 296 0.45 -7.35 -27.84
CA ILE A 296 0.56 -8.76 -27.47
C ILE A 296 -0.84 -9.28 -27.23
N ILE A 297 -1.02 -10.59 -27.40
CA ILE A 297 -2.36 -11.19 -27.42
C ILE A 297 -2.40 -12.39 -26.48
N VAL A 298 -3.47 -12.47 -25.69
CA VAL A 298 -3.80 -13.64 -24.88
C VAL A 298 -5.16 -14.15 -25.35
N THR A 299 -5.21 -15.41 -25.75
CA THR A 299 -6.44 -16.05 -26.18
C THR A 299 -6.82 -17.17 -25.21
N ILE A 300 -8.07 -17.15 -24.76
CA ILE A 300 -8.63 -18.18 -23.91
C ILE A 300 -9.85 -18.75 -24.61
N GLY A 301 -9.78 -20.02 -24.99
CA GLY A 301 -10.87 -20.60 -25.75
C GLY A 301 -11.03 -19.86 -27.07
N LYS A 302 -12.23 -19.34 -27.32
CA LYS A 302 -12.50 -18.57 -28.52
C LYS A 302 -12.42 -17.07 -28.29
N ASP A 303 -12.05 -16.63 -27.09
CA ASP A 303 -11.95 -15.22 -26.77
C ASP A 303 -10.48 -14.78 -26.76
N TRP A 304 -10.28 -13.47 -26.72
CA TRP A 304 -8.91 -12.94 -26.74
C TRP A 304 -8.90 -11.54 -26.16
N ILE A 305 -7.71 -11.10 -25.76
CA ILE A 305 -7.45 -9.72 -25.37
C ILE A 305 -6.10 -9.32 -25.94
N VAL A 306 -6.00 -8.05 -26.34
CA VAL A 306 -4.78 -7.51 -26.92
C VAL A 306 -4.31 -6.36 -26.04
N MET A 307 -3.07 -6.46 -25.55
CA MET A 307 -2.50 -5.51 -24.60
C MET A 307 -1.38 -4.72 -25.27
N ASP A 308 -0.85 -3.77 -24.50
CA ASP A 308 0.26 -2.93 -24.94
C ASP A 308 1.45 -3.27 -24.05
N ALA A 309 2.57 -3.65 -24.66
CA ALA A 309 3.73 -4.16 -23.95
C ALA A 309 4.73 -3.07 -23.59
N ARG A 310 4.41 -1.79 -23.84
CA ARG A 310 5.34 -0.73 -23.49
C ARG A 310 5.51 -0.59 -21.97
N GLY A 311 4.53 -1.05 -21.19
CA GLY A 311 4.70 -1.08 -19.75
C GLY A 311 5.83 -2.01 -19.34
N LEU A 312 5.89 -3.19 -19.96
CA LEU A 312 6.98 -4.12 -19.69
C LEU A 312 8.32 -3.52 -20.10
N LEU A 313 8.36 -2.84 -21.24
CA LEU A 313 9.59 -2.19 -21.69
C LEU A 313 10.05 -1.13 -20.68
N ARG A 314 9.12 -0.31 -20.19
CA ARG A 314 9.50 0.69 -19.20
C ARG A 314 9.95 0.04 -17.90
N ALA A 315 9.31 -1.06 -17.50
CA ALA A 315 9.70 -1.76 -16.30
C ALA A 315 11.12 -2.30 -16.41
N VAL A 316 11.47 -2.89 -17.57
CA VAL A 316 12.80 -3.43 -17.73
C VAL A 316 13.83 -2.34 -18.03
N TYR A 317 13.39 -1.14 -18.40
CA TYR A 317 14.33 -0.05 -18.64
C TYR A 317 14.68 0.71 -17.36
N TRP A 318 13.67 1.03 -16.54
CA TRP A 318 13.96 1.79 -15.33
C TRP A 318 14.74 0.95 -14.32
N ARG A 319 14.59 -0.37 -14.36
CA ARG A 319 15.36 -1.25 -13.49
C ARG A 319 16.76 -1.54 -14.03
N GLY A 320 17.02 -1.22 -15.29
CA GLY A 320 18.33 -1.45 -15.86
C GLY A 320 18.64 -2.87 -16.25
N ILE A 321 17.66 -3.78 -16.16
CA ILE A 321 17.94 -5.17 -16.49
C ILE A 321 17.98 -5.41 -17.99
N ALA A 322 17.49 -4.48 -18.79
CA ALA A 322 17.51 -4.61 -20.24
C ALA A 322 17.97 -3.30 -20.87
N LYS A 323 18.93 -3.39 -21.76
CA LYS A 323 19.43 -2.24 -22.48
C LYS A 323 18.71 -2.10 -23.80
N PRO A 324 18.58 -0.88 -24.34
CA PRO A 324 17.82 -0.68 -25.58
C PRO A 324 18.41 -1.49 -26.73
N GLY A 325 17.52 -2.00 -27.58
CA GLY A 325 17.93 -2.82 -28.71
C GLY A 325 17.46 -4.25 -28.58
N LEU A 326 16.38 -4.46 -27.82
CA LEU A 326 15.83 -5.78 -27.58
C LEU A 326 14.55 -5.97 -28.38
N SER A 327 14.15 -7.23 -28.52
CA SER A 327 13.01 -7.60 -29.34
C SER A 327 11.81 -7.97 -28.47
N LEU A 328 10.68 -8.19 -29.14
CA LEU A 328 9.46 -8.53 -28.42
C LEU A 328 9.49 -9.97 -27.91
N LYS A 329 10.19 -10.85 -28.62
CA LYS A 329 10.30 -12.24 -28.17
C LYS A 329 11.05 -12.33 -26.85
N GLU A 330 12.07 -11.51 -26.66
CA GLU A 330 12.85 -11.52 -25.44
C GLU A 330 12.35 -10.53 -24.39
N LEU A 331 11.53 -9.55 -24.78
CA LEU A 331 10.92 -8.68 -23.79
C LEU A 331 9.96 -9.45 -22.90
N LEU A 332 9.14 -10.32 -23.50
CA LEU A 332 8.26 -11.18 -22.71
C LEU A 332 9.05 -12.23 -21.94
N GLY A 333 10.32 -12.41 -22.27
CA GLY A 333 11.18 -13.37 -21.60
C GLY A 333 11.67 -12.98 -20.24
N PHE A 334 11.48 -11.73 -19.81
CA PHE A 334 11.76 -11.34 -18.43
C PHE A 334 10.54 -11.47 -17.53
N PHE A 335 9.40 -11.88 -18.05
CA PHE A 335 8.18 -11.95 -17.27
C PHE A 335 7.57 -13.33 -17.36
N SER A 336 6.95 -13.76 -16.28
CA SER A 336 6.25 -15.04 -16.27
C SER A 336 5.07 -15.01 -17.23
N GLY A 337 4.81 -16.14 -17.85
CA GLY A 337 3.78 -16.23 -18.86
C GLY A 337 2.39 -16.46 -18.28
N ASP A 338 2.18 -16.04 -17.03
CA ASP A 338 0.91 -16.27 -16.35
C ASP A 338 0.43 -14.95 -15.74
N PRO A 339 -0.09 -14.03 -16.56
CA PRO A 339 -0.57 -12.77 -16.02
C PRO A 339 -1.88 -12.94 -15.25
N VAL A 340 -2.29 -11.86 -14.60
CA VAL A 340 -3.54 -11.80 -13.84
C VAL A 340 -4.36 -10.64 -14.37
N LEU A 341 -5.64 -10.90 -14.63
CA LEU A 341 -6.53 -9.93 -15.27
C LEU A 341 -7.64 -9.54 -14.30
N ASP A 342 -7.82 -8.24 -14.09
CA ASP A 342 -8.99 -7.75 -13.37
C ASP A 342 -9.92 -7.03 -14.33
N PRO A 343 -11.10 -7.59 -14.64
CA PRO A 343 -11.96 -6.98 -15.66
C PRO A 343 -12.46 -5.59 -15.32
N LYS A 344 -12.58 -5.25 -14.03
CA LYS A 344 -13.20 -3.98 -13.66
C LYS A 344 -12.37 -2.79 -14.12
N ARG A 345 -11.04 -2.89 -14.07
CA ARG A 345 -10.17 -1.78 -14.42
C ARG A 345 -9.70 -1.83 -15.87
N GLY A 346 -9.18 -2.97 -16.32
CA GLY A 346 -8.67 -3.08 -17.66
C GLY A 346 -7.15 -3.13 -17.70
N ILE A 347 -6.56 -3.81 -16.72
CA ILE A 347 -5.12 -3.88 -16.56
C ILE A 347 -4.70 -5.34 -16.41
N ALA A 348 -3.64 -5.72 -17.12
CA ALA A 348 -3.04 -7.04 -16.96
C ALA A 348 -1.76 -6.87 -16.14
N THR A 349 -1.67 -7.60 -15.04
CA THR A 349 -0.55 -7.46 -14.10
C THR A 349 0.43 -8.61 -14.34
N PHE A 350 1.58 -8.27 -14.91
CA PHE A 350 2.63 -9.25 -15.15
C PHE A 350 3.57 -9.31 -13.94
N THR A 351 4.47 -10.30 -13.98
CA THR A 351 5.35 -10.57 -12.86
C THR A 351 6.69 -11.07 -13.39
N PHE A 352 7.77 -10.49 -12.88
CA PHE A 352 9.11 -10.90 -13.28
C PHE A 352 9.37 -12.34 -12.84
N LYS A 353 10.23 -13.03 -13.58
CA LYS A 353 10.58 -14.38 -13.17
C LYS A 353 11.46 -14.35 -11.93
N LEU A 354 11.69 -15.55 -11.38
CA LEU A 354 12.55 -15.71 -10.22
C LEU A 354 14.01 -15.56 -10.66
N GLY A 355 14.44 -14.31 -10.75
CA GLY A 355 15.81 -14.03 -11.14
C GLY A 355 15.99 -12.80 -12.01
N ALA A 356 14.89 -12.22 -12.49
CA ALA A 356 14.99 -11.03 -13.32
C ALA A 356 15.47 -9.84 -12.50
N VAL A 357 14.87 -9.61 -11.34
CA VAL A 357 15.34 -8.60 -10.39
C VAL A 357 16.07 -9.33 -9.27
N ALA A 358 17.38 -9.09 -9.16
CA ALA A 358 18.24 -9.83 -8.23
C ALA A 358 18.11 -9.24 -6.83
N VAL A 359 16.94 -9.47 -6.23
CA VAL A 359 16.62 -8.97 -4.91
C VAL A 359 16.25 -10.16 -4.02
N HIS A 360 16.94 -10.28 -2.88
CA HIS A 360 16.57 -11.23 -1.86
C HIS A 360 15.80 -10.49 -0.78
N SER A 361 14.58 -10.94 -0.50
CA SER A 361 13.68 -10.24 0.41
C SER A 361 13.90 -10.74 1.83
N ARG A 362 14.38 -9.85 2.70
CA ARG A 362 14.55 -10.15 4.11
C ARG A 362 13.42 -9.53 4.92
N LYS A 363 13.54 -9.63 6.24
CA LYS A 363 12.64 -9.02 7.19
C LYS A 363 13.46 -8.25 8.21
N PRO A 364 12.88 -7.22 8.82
CA PRO A 364 13.65 -6.41 9.77
C PRO A 364 14.19 -7.23 10.93
N THR A 365 15.40 -6.89 11.36
CA THR A 365 16.10 -7.63 12.40
C THR A 365 15.66 -7.14 13.77
N ARG A 366 15.62 -8.06 14.74
CA ARG A 366 14.98 -7.83 16.03
C ARG A 366 15.98 -7.71 17.18
N GLY A 367 17.08 -6.99 16.97
CA GLY A 367 17.97 -6.72 18.08
C GLY A 367 19.22 -7.58 18.13
N LYS A 368 19.19 -8.61 18.99
CA LYS A 368 20.37 -9.44 19.21
C LYS A 368 20.87 -10.11 17.93
N LYS A 369 20.00 -10.24 16.92
CA LYS A 369 20.43 -10.77 15.64
C LYS A 369 21.17 -9.75 14.78
N SER A 370 21.13 -8.47 15.15
CA SER A 370 21.88 -7.45 14.39
C SER A 370 23.37 -7.60 14.60
N LYS A 371 23.80 -7.88 15.83
CA LYS A 371 25.21 -8.08 16.10
C LYS A 371 25.76 -9.34 15.45
N GLU A 372 24.90 -10.21 14.94
CA GLU A 372 25.32 -11.32 14.10
C GLU A 372 25.19 -11.02 12.63
N LEU A 373 24.24 -10.17 12.24
CA LEU A 373 24.08 -9.79 10.85
C LEU A 373 25.25 -8.94 10.36
N LEU A 374 25.62 -7.91 11.13
CA LEU A 374 26.66 -7.01 10.66
C LEU A 374 28.03 -7.68 10.65
N LEU A 375 28.28 -8.65 11.53
CA LEU A 375 29.54 -9.37 11.47
C LEU A 375 29.70 -10.10 10.14
N SER A 376 28.64 -10.78 9.69
CA SER A 376 28.70 -11.46 8.40
C SER A 376 28.70 -10.47 7.24
N MET A 377 28.00 -9.34 7.38
CA MET A 377 27.99 -8.34 6.33
C MET A 377 29.38 -7.74 6.12
N THR A 378 30.08 -7.45 7.21
CA THR A 378 31.45 -6.97 7.13
C THR A 378 32.45 -8.07 6.78
N ALA A 379 32.09 -9.33 7.00
CA ALA A 379 32.95 -10.43 6.60
C ALA A 379 33.09 -10.55 5.08
N GLU A 380 32.17 -9.97 4.31
CA GLU A 380 32.24 -9.99 2.87
C GLU A 380 32.81 -8.69 2.31
N LYS A 381 32.16 -7.57 2.61
CA LYS A 381 32.68 -6.25 2.25
C LYS A 381 33.45 -5.70 3.43
N PRO A 382 34.72 -5.33 3.27
CA PRO A 382 35.52 -4.93 4.44
C PRO A 382 35.19 -3.55 4.95
N HIS A 383 34.11 -2.96 4.44
CA HIS A 383 33.74 -1.61 4.84
C HIS A 383 32.25 -1.44 4.52
N VAL A 384 31.43 -1.30 5.56
CA VAL A 384 29.98 -1.23 5.42
C VAL A 384 29.49 0.06 6.05
N GLY A 385 28.52 0.71 5.41
CA GLY A 385 28.00 1.99 5.86
C GLY A 385 26.66 1.84 6.55
N LEU A 386 26.49 2.59 7.64
CA LEU A 386 25.25 2.60 8.41
C LEU A 386 24.51 3.92 8.20
N VAL A 387 23.28 3.96 8.69
CA VAL A 387 22.50 5.18 8.78
C VAL A 387 21.54 5.06 9.95
N ALA A 388 21.58 6.01 10.86
CA ALA A 388 20.74 6.01 12.06
C ALA A 388 19.53 6.89 11.78
N ILE A 389 18.45 6.27 11.34
CA ILE A 389 17.23 7.02 11.05
C ILE A 389 16.56 7.39 12.36
N ASP A 390 16.56 8.68 12.68
CA ASP A 390 16.04 9.19 13.94
C ASP A 390 14.74 9.93 13.66
N LEU A 391 13.64 9.19 13.65
CA LEU A 391 12.32 9.79 13.49
C LEU A 391 11.92 10.54 14.74
N GLY A 392 11.15 11.62 14.55
CA GLY A 392 10.61 12.35 15.68
C GLY A 392 11.36 13.62 16.05
N GLN A 393 11.67 14.45 15.05
CA GLN A 393 12.23 15.77 15.30
C GLN A 393 11.49 16.79 14.44
N THR A 394 11.97 18.04 14.42
CA THR A 394 11.35 19.04 13.57
C THR A 394 11.53 18.71 12.10
N ASN A 395 12.58 17.97 11.76
CA ASN A 395 12.77 17.40 10.44
C ASN A 395 12.51 15.91 10.51
N PRO A 396 11.61 15.38 9.67
CA PRO A 396 11.16 13.99 9.88
C PRO A 396 12.27 12.96 9.89
N VAL A 397 13.29 13.12 9.05
CA VAL A 397 14.36 12.15 8.92
C VAL A 397 15.68 12.85 9.26
N ALA A 398 16.20 12.58 10.45
CA ALA A 398 17.51 13.07 10.86
C ALA A 398 18.48 11.91 10.77
N ALA A 399 19.13 11.77 9.62
CA ALA A 399 20.05 10.67 9.39
C ALA A 399 21.37 10.91 10.11
N GLU A 400 22.01 9.81 10.52
CA GLU A 400 23.29 9.84 11.20
C GLU A 400 24.14 8.72 10.65
N PHE A 401 25.13 9.07 9.82
CA PHE A 401 25.90 8.09 9.08
C PHE A 401 27.05 7.56 9.93
N SER A 402 27.64 6.46 9.44
CA SER A 402 28.77 5.82 10.09
C SER A 402 29.30 4.75 9.15
N ARG A 403 30.49 4.27 9.44
CA ARG A 403 31.09 3.15 8.73
C ARG A 403 31.70 2.19 9.74
N VAL A 404 31.59 0.90 9.45
CA VAL A 404 31.96 -0.15 10.41
C VAL A 404 33.08 -1.00 9.81
N LYS A 405 33.96 -1.47 10.68
CA LYS A 405 35.08 -2.34 10.33
C LYS A 405 35.01 -3.59 11.19
N ARG A 406 35.60 -4.67 10.69
CA ARG A 406 35.52 -5.97 11.36
C ARG A 406 36.89 -6.39 11.83
N GLU A 407 37.06 -6.46 13.15
CA GLU A 407 38.31 -6.91 13.76
C GLU A 407 38.17 -8.23 14.47
N GLY A 408 37.22 -8.35 15.41
CA GLY A 408 36.97 -9.59 16.10
C GLY A 408 35.48 -9.83 16.28
N GLU A 409 35.06 -10.10 17.52
CA GLU A 409 33.64 -10.22 17.81
C GLU A 409 32.97 -8.87 17.99
N THR A 410 33.74 -7.78 17.98
CA THR A 410 33.22 -6.43 18.14
C THR A 410 33.43 -5.65 16.85
N LEU A 411 32.46 -4.79 16.54
CA LEU A 411 32.54 -3.94 15.36
C LEU A 411 32.93 -2.53 15.78
N GLN A 412 33.83 -1.92 15.01
CA GLN A 412 34.34 -0.59 15.29
C GLN A 412 33.79 0.40 14.27
N ALA A 413 33.25 1.51 14.75
CA ALA A 413 32.60 2.50 13.91
C ALA A 413 33.34 3.84 13.95
N GLU A 414 33.20 4.59 12.86
CA GLU A 414 33.75 5.94 12.77
C GLU A 414 32.70 6.84 12.13
N PRO A 415 32.07 7.70 12.93
CA PRO A 415 31.05 8.60 12.38
C PRO A 415 31.60 9.46 11.25
N LEU A 416 30.75 9.68 10.25
CA LEU A 416 31.09 10.53 9.11
C LEU A 416 30.31 11.83 9.08
N GLY A 417 29.25 11.94 9.86
CA GLY A 417 28.42 13.13 9.87
C GLY A 417 26.94 12.78 9.81
N GLN A 418 26.12 13.78 10.14
CA GLN A 418 24.68 13.63 10.17
C GLN A 418 24.07 14.73 9.32
N ILE A 419 23.10 14.36 8.48
CA ILE A 419 22.39 15.31 7.64
C ILE A 419 20.92 15.32 8.04
N VAL A 420 20.17 16.25 7.45
CA VAL A 420 18.74 16.32 7.59
C VAL A 420 18.12 16.29 6.20
N LEU A 421 16.85 15.92 6.15
CA LEU A 421 16.18 15.80 4.86
C LEU A 421 16.10 17.17 4.20
N PRO A 422 16.40 17.28 2.91
CA PRO A 422 16.56 18.60 2.30
C PRO A 422 15.25 19.38 2.26
N ASP A 423 15.40 20.69 2.03
CA ASP A 423 14.27 21.61 2.14
C ASP A 423 13.21 21.35 1.07
N ASP A 424 13.64 21.07 -0.16
CA ASP A 424 12.67 20.87 -1.24
C ASP A 424 11.75 19.69 -0.95
N LEU A 425 12.32 18.57 -0.50
CA LEU A 425 11.49 17.44 -0.11
C LEU A 425 10.68 17.76 1.14
N VAL A 426 11.25 18.52 2.07
CA VAL A 426 10.49 19.01 3.21
C VAL A 426 9.35 19.91 2.74
N LYS A 427 9.59 20.72 1.71
CA LYS A 427 8.52 21.56 1.17
C LYS A 427 7.42 20.71 0.57
N ASP A 428 7.78 19.66 -0.16
CA ASP A 428 6.77 18.75 -0.70
C ASP A 428 5.97 18.09 0.42
N LEU A 429 6.65 17.70 1.50
CA LEU A 429 5.94 17.12 2.64
C LEU A 429 4.98 18.11 3.27
N THR A 430 5.42 19.34 3.49
CA THR A 430 4.57 20.31 4.18
C THR A 430 3.47 20.83 3.28
N ARG A 431 3.61 20.64 1.96
CA ARG A 431 2.53 20.99 1.04
C ARG A 431 1.57 19.83 0.83
N TYR A 432 2.02 18.59 1.06
CA TYR A 432 1.08 17.47 1.13
C TYR A 432 0.32 17.49 2.44
N ARG A 433 1.02 17.78 3.55
CA ARG A 433 0.38 17.80 4.85
C ARG A 433 -0.71 18.85 4.94
N ARG A 434 -0.68 19.83 4.05
CA ARG A 434 -1.76 20.81 3.92
C ARG A 434 -2.83 20.38 2.95
N ALA A 435 -2.71 19.18 2.38
CA ALA A 435 -3.74 18.62 1.51
C ALA A 435 -4.50 17.47 2.14
N TRP A 436 -3.99 16.89 3.24
CA TRP A 436 -4.71 15.86 3.98
C TRP A 436 -5.48 16.41 5.16
N ASP A 437 -4.89 17.31 5.93
CA ASP A 437 -5.64 17.98 6.99
C ASP A 437 -6.71 18.90 6.42
N ALA A 438 -6.59 19.29 5.15
CA ALA A 438 -7.59 20.11 4.49
C ALA A 438 -8.66 19.28 3.80
N THR A 439 -8.53 17.95 3.79
CA THR A 439 -9.60 17.07 3.31
C THR A 439 -10.24 16.28 4.43
N GLU A 440 -9.53 16.01 5.52
CA GLU A 440 -10.14 15.44 6.71
C GLU A 440 -11.14 16.37 7.34
N GLU A 441 -11.12 17.66 6.98
CA GLU A 441 -12.17 18.59 7.36
C GLU A 441 -13.32 18.56 6.36
N GLN A 442 -13.01 18.73 5.08
CA GLN A 442 -14.03 18.78 4.03
C GLN A 442 -14.81 17.48 3.90
N ILE A 443 -14.30 16.37 4.41
CA ILE A 443 -15.01 15.10 4.39
C ILE A 443 -15.74 14.85 5.71
N LYS A 444 -15.04 15.03 6.83
CA LYS A 444 -15.64 14.75 8.13
C LYS A 444 -16.79 15.70 8.43
N ALA A 445 -16.64 16.99 8.11
CA ALA A 445 -17.72 17.94 8.38
C ALA A 445 -18.95 17.62 7.56
N GLU A 446 -18.79 17.29 6.28
CA GLU A 446 -19.95 16.96 5.46
C GLU A 446 -20.52 15.59 5.80
N ALA A 447 -19.74 14.72 6.45
CA ALA A 447 -20.31 13.50 7.01
C ALA A 447 -21.13 13.81 8.25
N ILE A 448 -20.66 14.74 9.08
CA ILE A 448 -21.38 15.13 10.29
C ILE A 448 -22.70 15.80 9.92
N VAL A 449 -22.70 16.67 8.91
CA VAL A 449 -23.90 17.44 8.59
C VAL A 449 -25.03 16.55 8.09
N GLN A 450 -24.73 15.33 7.65
CA GLN A 450 -25.75 14.46 7.05
C GLN A 450 -26.22 13.36 8.00
N LEU A 451 -25.93 13.47 9.30
CA LEU A 451 -26.58 12.58 10.25
C LEU A 451 -28.07 12.90 10.38
N PRO A 452 -28.88 11.92 10.79
CA PRO A 452 -30.29 12.21 11.10
C PRO A 452 -30.37 13.24 12.21
N GLU A 453 -31.46 14.02 12.19
CA GLU A 453 -31.60 15.16 13.11
C GLU A 453 -31.42 14.73 14.55
N GLU A 454 -31.98 13.58 14.94
CA GLU A 454 -31.84 13.11 16.31
C GLU A 454 -30.38 12.79 16.65
N CYS A 455 -29.66 12.19 15.70
CA CYS A 455 -28.23 11.96 15.91
C CYS A 455 -27.42 13.24 15.70
N ARG A 456 -27.80 14.06 14.73
CA ARG A 456 -27.03 15.25 14.40
C ARG A 456 -27.02 16.24 15.56
N ALA A 457 -28.20 16.50 16.15
CA ALA A 457 -28.27 17.41 17.27
C ALA A 457 -27.45 16.90 18.45
N GLU A 458 -27.53 15.59 18.72
CA GLU A 458 -26.78 15.01 19.82
C GLU A 458 -25.28 15.16 19.62
N VAL A 459 -24.78 14.83 18.42
CA VAL A 459 -23.35 14.92 18.18
C VAL A 459 -22.88 16.38 18.19
N VAL A 460 -23.72 17.29 17.69
CA VAL A 460 -23.37 18.71 17.74
C VAL A 460 -23.27 19.19 19.17
N LYS A 461 -24.23 18.78 20.02
CA LYS A 461 -24.17 19.15 21.43
C LYS A 461 -22.95 18.57 22.11
N VAL A 462 -22.59 17.32 21.77
CA VAL A 462 -21.39 16.70 22.34
C VAL A 462 -20.15 17.45 21.92
N ASN A 463 -20.11 17.93 20.67
CA ASN A 463 -18.94 18.66 20.19
C ASN A 463 -18.69 19.92 21.02
N GLN A 464 -19.76 20.64 21.36
CA GLN A 464 -19.66 21.81 22.22
C GLN A 464 -19.75 21.46 23.70
N MET A 465 -19.94 20.19 24.04
CA MET A 465 -20.03 19.78 25.43
C MET A 465 -18.69 19.96 26.13
N SER A 466 -18.74 20.29 27.42
CA SER A 466 -17.63 20.45 28.35
C SER A 466 -16.78 21.68 28.04
N ALA A 467 -17.11 22.46 27.00
CA ALA A 467 -16.38 23.68 26.71
C ALA A 467 -16.50 24.66 27.88
N GLU A 468 -17.74 24.89 28.33
CA GLU A 468 -18.01 25.70 29.51
C GLU A 468 -18.91 24.99 30.49
N GLU A 469 -19.38 23.78 30.18
CA GLU A 469 -20.29 23.05 31.04
C GLU A 469 -19.62 22.67 32.36
N THR A 470 -18.41 22.12 32.29
CA THR A 470 -17.71 21.76 33.52
C THR A 470 -17.30 22.99 34.31
N LYS A 471 -16.98 24.09 33.62
CA LYS A 471 -16.69 25.34 34.32
C LYS A 471 -17.90 25.83 35.08
N HIS A 472 -19.07 25.79 34.45
CA HIS A 472 -20.30 26.15 35.15
C HIS A 472 -20.56 25.22 36.31
N LEU A 473 -20.28 23.93 36.15
CA LEU A 473 -20.47 22.97 37.23
C LEU A 473 -19.58 23.29 38.42
N ILE A 474 -18.30 23.60 38.17
CA ILE A 474 -17.38 23.86 39.28
C ILE A 474 -17.70 25.20 39.93
N LEU A 475 -18.20 26.17 39.16
CA LEU A 475 -18.72 27.39 39.78
C LEU A 475 -19.94 27.10 40.65
N ASP A 476 -20.79 26.16 40.21
CA ASP A 476 -21.91 25.74 41.05
C ASP A 476 -21.40 25.08 42.33
N ARG A 477 -20.29 24.35 42.25
CA ARG A 477 -19.68 23.80 43.45
C ARG A 477 -19.22 24.90 44.39
N GLY A 478 -18.93 26.08 43.86
CA GLY A 478 -18.61 27.23 44.67
C GLY A 478 -17.13 27.55 44.83
N VAL A 479 -16.25 26.83 44.12
CA VAL A 479 -14.83 27.10 44.25
C VAL A 479 -14.48 28.40 43.52
N SER A 480 -13.29 28.92 43.81
CA SER A 480 -12.80 30.14 43.18
C SER A 480 -12.40 29.83 41.75
N GLY A 481 -13.18 30.34 40.79
CA GLY A 481 -12.95 30.05 39.39
C GLY A 481 -12.02 31.04 38.70
N ASP A 482 -10.95 31.44 39.38
CA ASP A 482 -9.96 32.33 38.81
C ASP A 482 -8.52 31.87 39.03
N LEU A 483 -8.24 31.08 40.07
CA LEU A 483 -6.88 30.58 40.27
C LEU A 483 -6.40 29.66 39.15
N PRO A 484 -7.18 28.64 38.69
CA PRO A 484 -6.66 27.76 37.64
C PRO A 484 -6.81 28.33 36.24
N TRP A 485 -6.98 29.65 36.14
CA TRP A 485 -7.30 30.34 34.89
C TRP A 485 -6.51 29.83 33.68
N GLU A 486 -5.18 29.90 33.74
CA GLU A 486 -4.36 29.66 32.55
C GLU A 486 -3.37 28.53 32.78
N LYS A 487 -3.35 27.59 31.83
CA LYS A 487 -2.35 26.54 31.67
C LYS A 487 -2.48 25.46 32.76
N MET A 488 -3.28 25.74 33.78
CA MET A 488 -3.69 24.79 34.82
C MET A 488 -2.53 24.20 35.61
N THR A 489 -1.28 24.56 35.27
CA THR A 489 -0.08 24.06 35.95
C THR A 489 -0.17 22.56 36.21
N SER A 490 -0.17 21.79 35.11
CA SER A 490 -0.39 20.35 35.20
C SER A 490 0.65 19.67 36.09
N ASN A 491 1.83 20.28 36.24
CA ASN A 491 2.86 19.70 37.10
C ASN A 491 2.41 19.67 38.56
N THR A 492 1.68 20.68 39.00
CA THR A 492 1.26 20.81 40.39
C THR A 492 -0.20 20.43 40.62
N THR A 493 -0.85 19.80 39.63
CA THR A 493 -2.26 19.38 39.69
C THR A 493 -3.12 20.42 40.40
N PHE A 494 -3.17 21.61 39.81
CA PHE A 494 -3.74 22.77 40.48
C PHE A 494 -5.25 22.66 40.66
N ILE A 495 -5.89 21.70 40.00
CA ILE A 495 -7.33 21.51 40.19
C ILE A 495 -7.63 21.15 41.64
N SER A 496 -6.85 20.21 42.19
CA SER A 496 -6.97 19.88 43.60
C SER A 496 -6.67 21.08 44.48
N ASP A 497 -5.70 21.91 44.08
CA ASP A 497 -5.35 23.09 44.87
C ASP A 497 -6.51 24.07 44.94
N HIS A 498 -7.14 24.37 43.81
CA HIS A 498 -8.24 25.32 43.81
C HIS A 498 -9.53 24.73 44.36
N LEU A 499 -9.67 23.40 44.38
CA LEU A 499 -10.71 22.79 45.19
C LEU A 499 -10.43 23.00 46.68
N LEU A 500 -9.17 22.80 47.09
CA LEU A 500 -8.77 23.05 48.47
C LEU A 500 -8.97 24.52 48.84
N ALA A 501 -8.94 25.41 47.86
CA ALA A 501 -9.07 26.83 48.14
C ALA A 501 -10.39 27.14 48.85
N LYS A 502 -11.51 26.69 48.28
CA LYS A 502 -12.82 26.93 48.89
C LYS A 502 -13.26 25.76 49.77
N GLY A 503 -12.37 25.32 50.67
CA GLY A 503 -12.73 24.32 51.67
C GLY A 503 -13.27 23.02 51.13
N VAL A 504 -12.67 22.49 50.08
CA VAL A 504 -13.10 21.20 49.52
C VAL A 504 -11.89 20.27 49.56
N THR A 505 -11.04 20.45 50.57
CA THR A 505 -9.82 19.65 50.66
C THR A 505 -10.13 18.19 50.99
N ASP A 506 -11.14 17.94 51.82
CA ASP A 506 -11.46 16.59 52.23
C ASP A 506 -12.38 15.86 51.26
N GLN A 507 -12.99 16.59 50.31
CA GLN A 507 -13.80 15.96 49.28
C GLN A 507 -13.01 15.66 48.02
N VAL A 508 -11.70 15.87 48.04
CA VAL A 508 -10.86 15.60 46.88
C VAL A 508 -10.87 14.11 46.56
N PHE A 509 -11.27 13.77 45.34
CA PHE A 509 -11.26 12.39 44.91
C PHE A 509 -9.82 11.93 44.68
N PHE A 510 -9.56 10.66 44.98
CA PHE A 510 -8.22 10.11 44.99
C PHE A 510 -8.04 9.08 43.87
N GLU A 511 -6.79 8.75 43.60
CA GLU A 511 -6.42 7.80 42.56
C GLU A 511 -5.39 6.81 43.08
N LYS A 512 -5.50 5.57 42.63
CA LYS A 512 -4.56 4.53 43.01
C LYS A 512 -3.30 4.59 42.15
N LYS A 513 -2.18 4.20 42.73
CA LYS A 513 -0.89 4.18 42.05
C LYS A 513 -0.28 2.79 42.15
N SER A 514 0.55 2.46 41.15
CA SER A 514 1.17 1.14 41.09
C SER A 514 2.70 1.26 41.11
N LYS A 515 3.22 2.07 42.04
CA LYS A 515 4.67 2.26 42.11
C LYS A 515 5.39 0.96 42.45
N GLY A 516 4.73 0.05 43.17
CA GLY A 516 5.37 -1.20 43.53
C GLY A 516 5.59 -2.10 42.33
N LYS A 517 6.61 -2.95 42.43
CA LYS A 517 6.91 -3.88 41.34
C LYS A 517 5.80 -4.88 41.11
N LYS A 518 5.23 -5.43 42.20
CA LYS A 518 4.16 -6.41 42.11
C LYS A 518 2.78 -5.79 42.24
N LYS A 519 2.56 -5.00 43.30
CA LYS A 519 1.28 -4.34 43.53
C LYS A 519 1.55 -3.03 44.25
N GLY A 520 0.49 -2.31 44.57
CA GLY A 520 0.63 -1.04 45.27
C GLY A 520 -0.69 -0.37 45.57
N THR A 521 -0.84 0.13 46.79
CA THR A 521 -2.03 0.85 47.23
C THR A 521 -1.59 2.25 47.68
N GLU A 522 -1.66 3.20 46.76
CA GLU A 522 -1.24 4.58 46.99
C GLU A 522 -2.37 5.54 46.64
N THR A 523 -3.56 5.25 47.15
CA THR A 523 -4.75 6.06 46.88
C THR A 523 -4.53 7.44 47.48
N VAL A 524 -4.22 8.42 46.62
CA VAL A 524 -3.79 9.74 47.07
C VAL A 524 -4.35 10.77 46.10
N LYS A 525 -4.05 12.06 46.34
CA LYS A 525 -4.54 13.17 45.53
C LYS A 525 -4.41 12.90 44.04
N ARG A 526 -5.48 13.19 43.30
CA ARG A 526 -5.50 12.94 41.87
C ARG A 526 -4.62 13.92 41.12
N LYS A 527 -3.96 13.42 40.07
CA LYS A 527 -3.12 14.26 39.22
C LYS A 527 -3.99 15.03 38.22
N ASP A 528 -3.37 16.03 37.59
CA ASP A 528 -4.12 16.93 36.71
C ASP A 528 -4.75 16.19 35.53
N TYR A 529 -4.02 15.24 34.94
CA TYR A 529 -4.60 14.43 33.87
C TYR A 529 -5.78 13.62 34.37
N GLY A 530 -5.65 13.04 35.57
CA GLY A 530 -6.76 12.31 36.15
C GLY A 530 -7.94 13.21 36.47
N TRP A 531 -7.67 14.42 36.96
CA TRP A 531 -8.75 15.38 37.18
C TRP A 531 -9.47 15.70 35.87
N VAL A 532 -8.72 15.97 34.80
CA VAL A 532 -9.32 16.24 33.51
C VAL A 532 -10.17 15.06 33.05
N LYS A 533 -9.67 13.84 33.26
CA LYS A 533 -10.42 12.66 32.89
C LYS A 533 -11.74 12.57 33.67
N LEU A 534 -11.70 12.85 34.97
CA LEU A 534 -12.92 12.70 35.77
C LEU A 534 -13.88 13.86 35.56
N LEU A 535 -13.39 15.08 35.40
CA LEU A 535 -14.29 16.23 35.28
C LEU A 535 -15.02 16.23 33.94
N ARG A 536 -14.33 15.86 32.87
CA ARG A 536 -14.97 15.85 31.56
C ARG A 536 -16.02 14.75 31.51
N PRO A 537 -17.14 14.97 30.80
CA PRO A 537 -18.19 13.94 30.75
C PRO A 537 -17.85 12.82 29.80
N ARG A 538 -18.80 11.90 29.58
CA ARG A 538 -18.59 10.74 28.73
C ARG A 538 -18.50 11.09 27.25
N LEU A 539 -18.81 12.33 26.87
CA LEU A 539 -18.74 12.81 25.49
C LEU A 539 -19.69 11.97 24.64
N SER A 540 -19.29 11.50 23.46
CA SER A 540 -20.21 10.84 22.53
C SER A 540 -20.09 9.33 22.65
N GLN A 541 -20.79 8.79 23.65
CA GLN A 541 -21.01 7.35 23.78
C GLN A 541 -22.44 6.97 23.46
N GLU A 542 -23.30 7.95 23.18
CA GLU A 542 -24.70 7.66 22.88
C GLU A 542 -24.83 6.80 21.62
N THR A 543 -24.05 7.10 20.60
CA THR A 543 -24.11 6.33 19.37
C THR A 543 -22.83 5.54 19.10
N ARG A 544 -21.69 6.23 18.98
CA ARG A 544 -20.40 5.58 18.73
C ARG A 544 -20.41 4.78 17.43
N LYS A 545 -21.47 4.94 16.65
CA LYS A 545 -21.64 4.19 15.41
C LYS A 545 -22.20 5.09 14.33
N ALA A 546 -22.28 6.39 14.60
CA ALA A 546 -22.65 7.38 13.60
C ALA A 546 -21.47 8.21 13.14
N VAL A 547 -20.80 8.90 14.07
CA VAL A 547 -19.62 9.68 13.71
C VAL A 547 -18.47 8.78 13.30
N ASN A 548 -18.35 7.61 13.93
CA ASN A 548 -17.28 6.67 13.61
C ASN A 548 -17.59 5.79 12.41
N ASP A 549 -18.78 5.90 11.83
CA ASP A 549 -19.18 5.05 10.71
C ASP A 549 -19.45 5.83 9.44
N LYS A 550 -20.22 6.92 9.51
CA LYS A 550 -20.51 7.69 8.30
C LYS A 550 -19.24 8.33 7.74
N THR A 551 -18.34 8.80 8.61
CA THR A 551 -17.08 9.36 8.13
C THR A 551 -16.25 8.30 7.41
N TRP A 552 -16.10 7.12 8.01
CA TRP A 552 -15.34 6.05 7.37
C TRP A 552 -16.05 5.46 6.16
N GLU A 553 -17.36 5.71 6.01
CA GLU A 553 -18.06 5.27 4.81
C GLU A 553 -17.86 6.27 3.67
N LEU A 554 -17.91 7.56 3.99
CA LEU A 554 -17.65 8.59 2.97
C LEU A 554 -16.17 8.73 2.66
N LYS A 555 -15.29 8.11 3.46
CA LYS A 555 -13.87 8.12 3.13
C LYS A 555 -13.62 7.47 1.76
N ARG A 556 -14.26 6.35 1.50
CA ARG A 556 -14.15 5.68 0.21
C ARG A 556 -15.03 6.31 -0.86
N ALA A 557 -15.93 7.21 -0.49
CA ALA A 557 -16.77 7.91 -1.46
C ALA A 557 -16.03 9.04 -2.17
N SER A 558 -14.86 9.43 -1.67
CA SER A 558 -14.04 10.46 -2.29
C SER A 558 -12.76 9.83 -2.80
N THR A 559 -12.49 9.99 -4.11
CA THR A 559 -11.25 9.47 -4.69
C THR A 559 -10.03 10.23 -4.19
N GLU A 560 -10.22 11.44 -3.65
CA GLU A 560 -9.10 12.21 -3.13
C GLU A 560 -8.39 11.47 -2.00
N TYR A 561 -9.14 10.71 -1.19
CA TYR A 561 -8.52 10.00 -0.08
C TYR A 561 -7.61 8.88 -0.55
N VAL A 562 -8.09 8.08 -1.52
CA VAL A 562 -7.27 6.99 -2.05
C VAL A 562 -6.13 7.53 -2.89
N ARG A 563 -6.27 8.74 -3.45
CA ARG A 563 -5.13 9.36 -4.11
C ARG A 563 -4.11 9.86 -3.08
N LEU A 564 -4.58 10.40 -1.96
CA LEU A 564 -3.68 10.96 -0.96
C LEU A 564 -2.92 9.88 -0.23
N SER A 565 -3.53 8.71 -0.02
CA SER A 565 -2.78 7.61 0.57
C SER A 565 -1.60 7.20 -0.30
N ARG A 566 -1.83 7.09 -1.61
CA ARG A 566 -0.75 6.77 -2.54
C ARG A 566 0.28 7.88 -2.59
N ARG A 567 -0.16 9.14 -2.53
CA ARG A 567 0.79 10.25 -2.49
C ARG A 567 1.66 10.19 -1.25
N LYS A 568 1.07 9.87 -0.09
CA LYS A 568 1.84 9.73 1.13
C LYS A 568 2.87 8.62 1.02
N THR A 569 2.46 7.48 0.45
CA THR A 569 3.39 6.38 0.26
C THR A 569 4.53 6.77 -0.68
N GLU A 570 4.19 7.49 -1.76
CA GLU A 570 5.22 7.92 -2.72
C GLU A 570 6.20 8.88 -2.07
N LEU A 571 5.70 9.83 -1.27
CA LEU A 571 6.59 10.76 -0.59
C LEU A 571 7.48 10.05 0.41
N ALA A 572 6.93 9.09 1.16
CA ALA A 572 7.74 8.32 2.09
C ALA A 572 8.83 7.56 1.36
N ARG A 573 8.49 6.95 0.22
CA ARG A 573 9.50 6.24 -0.56
C ARG A 573 10.55 7.19 -1.13
N ARG A 574 10.14 8.40 -1.51
CA ARG A 574 11.10 9.39 -1.99
C ARG A 574 12.10 9.76 -0.92
N CYS A 575 11.61 9.99 0.31
CA CYS A 575 12.50 10.29 1.42
C CYS A 575 13.44 9.12 1.72
N VAL A 576 12.91 7.91 1.72
CA VAL A 576 13.73 6.73 1.96
C VAL A 576 14.81 6.59 0.89
N ASN A 577 14.44 6.82 -0.37
CA ASN A 577 15.39 6.71 -1.46
C ASN A 577 16.50 7.74 -1.34
N TYR A 578 16.14 8.98 -1.00
CA TYR A 578 17.17 10.00 -0.81
C TYR A 578 18.11 9.61 0.31
N ILE A 579 17.57 9.13 1.43
CA ILE A 579 18.42 8.77 2.56
C ILE A 579 19.34 7.62 2.18
N VAL A 580 18.81 6.63 1.46
CA VAL A 580 19.62 5.48 1.07
C VAL A 580 20.76 5.88 0.13
N ARG A 581 20.46 6.73 -0.85
CA ARG A 581 21.51 7.15 -1.77
C ARG A 581 22.54 8.03 -1.09
N GLU A 582 22.12 8.85 -0.11
CA GLU A 582 23.10 9.66 0.62
C GLU A 582 23.94 8.78 1.54
N THR A 583 23.35 7.70 2.07
CA THR A 583 24.12 6.75 2.85
C THR A 583 25.18 6.08 1.99
N LYS A 584 24.80 5.69 0.77
CA LYS A 584 25.78 5.11 -0.15
C LYS A 584 26.88 6.10 -0.50
N ARG A 585 26.51 7.36 -0.76
CA ARG A 585 27.51 8.33 -1.20
C ARG A 585 28.45 8.72 -0.06
N TRP A 586 27.90 9.04 1.11
CA TRP A 586 28.73 9.51 2.22
C TRP A 586 29.68 8.43 2.69
N THR A 587 29.20 7.19 2.79
CA THR A 587 30.03 6.08 3.24
C THR A 587 30.88 5.48 2.15
N GLN A 588 30.63 5.83 0.88
CA GLN A 588 31.39 5.30 -0.25
C GLN A 588 31.38 3.78 -0.28
N CYS A 589 30.25 3.19 0.11
CA CYS A 589 30.10 1.74 0.14
C CYS A 589 28.76 1.35 -0.48
N GLU A 590 28.80 0.27 -1.28
CA GLU A 590 27.56 -0.22 -1.89
C GLU A 590 26.68 -0.93 -0.88
N ASP A 591 27.28 -1.71 0.01
CA ASP A 591 26.55 -2.41 1.05
C ASP A 591 26.26 -1.45 2.20
N ILE A 592 24.97 -1.19 2.46
CA ILE A 592 24.56 -0.26 3.50
C ILE A 592 23.48 -0.91 4.36
N ALA A 593 23.33 -0.37 5.57
CA ALA A 593 22.37 -0.87 6.54
C ALA A 593 21.62 0.30 7.17
N ILE A 594 20.36 0.05 7.55
CA ILE A 594 19.49 1.05 8.15
C ILE A 594 19.12 0.58 9.54
N VAL A 595 19.28 1.46 10.53
CA VAL A 595 18.95 1.14 11.92
C VAL A 595 17.90 2.12 12.40
N ILE A 596 16.79 1.58 12.91
CA ILE A 596 15.72 2.37 13.52
C ILE A 596 15.62 1.94 14.98
N GLU A 597 15.26 2.89 15.84
CA GLU A 597 15.25 2.63 17.28
C GLU A 597 14.19 1.57 17.62
N ASP A 598 14.22 1.15 18.88
CA ASP A 598 13.29 0.15 19.38
C ASP A 598 11.84 0.62 19.36
N TRP A 626 0.87 12.42 11.97
CA TRP A 626 2.20 12.75 11.48
C TRP A 626 2.61 11.86 10.31
N PHE A 627 3.88 11.95 9.94
CA PHE A 627 4.47 11.09 8.92
C PHE A 627 5.17 9.87 9.52
N ILE A 628 5.10 9.70 10.83
CA ILE A 628 5.94 8.70 11.50
C ILE A 628 5.56 7.29 11.05
N GLN A 629 4.27 6.99 11.01
CA GLN A 629 3.83 5.63 10.67
C GLN A 629 4.21 5.27 9.23
N VAL A 630 3.93 6.17 8.29
CA VAL A 630 4.22 5.88 6.89
C VAL A 630 5.73 5.82 6.64
N LEU A 631 6.50 6.68 7.32
CA LEU A 631 7.95 6.63 7.16
C LEU A 631 8.53 5.35 7.73
N HIS A 632 8.03 4.91 8.88
CA HIS A 632 8.50 3.64 9.45
C HIS A 632 8.14 2.48 8.55
N LYS A 633 6.92 2.48 7.99
CA LYS A 633 6.53 1.42 7.08
C LYS A 633 7.38 1.43 5.82
N ALA A 634 7.67 2.61 5.27
CA ALA A 634 8.51 2.70 4.08
C ALA A 634 9.93 2.23 4.36
N PHE A 635 10.49 2.60 5.51
CA PHE A 635 11.84 2.17 5.83
C PHE A 635 11.91 0.68 6.11
N SER A 636 10.84 0.10 6.67
CA SER A 636 10.82 -1.33 6.90
C SER A 636 10.62 -2.14 5.62
N ASP A 637 10.02 -1.53 4.59
CA ASP A 637 9.73 -2.24 3.35
C ASP A 637 10.95 -2.48 2.48
N LEU A 638 12.08 -1.85 2.78
CA LEU A 638 13.28 -2.06 1.98
C LEU A 638 13.81 -3.47 2.10
N ALA A 639 13.62 -4.11 3.26
CA ALA A 639 14.06 -5.49 3.44
C ALA A 639 13.23 -6.45 2.60
N LEU A 640 12.01 -6.07 2.23
CA LEU A 640 11.12 -6.94 1.46
C LEU A 640 11.08 -6.62 -0.01
N HIS A 641 11.38 -5.38 -0.40
CA HIS A 641 11.33 -4.98 -1.80
C HIS A 641 12.71 -4.80 -2.43
N ARG A 642 13.73 -4.46 -1.66
CA ARG A 642 15.04 -4.16 -2.22
C ARG A 642 16.19 -4.88 -1.53
N GLY A 643 15.96 -5.55 -0.40
CA GLY A 643 16.97 -6.39 0.22
C GLY A 643 17.86 -5.70 1.22
N LEU A 644 17.75 -4.38 1.37
CA LEU A 644 18.62 -3.67 2.30
C LEU A 644 18.24 -4.03 3.73
N PRO A 645 19.18 -4.50 4.55
CA PRO A 645 18.84 -4.84 5.94
C PRO A 645 18.32 -3.65 6.72
N VAL A 646 17.30 -3.88 7.53
CA VAL A 646 16.70 -2.87 8.38
C VAL A 646 16.69 -3.40 9.81
N ILE A 647 17.18 -2.59 10.75
CA ILE A 647 17.43 -3.02 12.12
C ILE A 647 16.55 -2.20 13.05
N GLU A 648 15.88 -2.88 13.96
CA GLU A 648 15.07 -2.25 15.01
C GLU A 648 15.83 -2.39 16.32
N ALA A 649 16.68 -1.42 16.62
CA ALA A 649 17.49 -1.44 17.84
C ALA A 649 16.78 -0.71 18.98
#